data_4O45
#
_entry.id   4O45
#
_cell.length_a   81.218
_cell.length_b   85.830
_cell.length_c   40.400
_cell.angle_alpha   90.000
_cell.angle_beta   90.000
_cell.angle_gamma   90.000
#
_symmetry.space_group_name_H-M   'P 21 21 2'
#
loop_
_entity.id
_entity.type
_entity.pdbx_description
1 polymer 'WD repeat-containing protein 5'
2 polymer 'Nonstructural protein 1'
3 non-polymer 'UNKNOWN ATOM OR ION'
4 water water
#
loop_
_entity_poly.entity_id
_entity_poly.type
_entity_poly.pdbx_seq_one_letter_code
_entity_poly.pdbx_strand_id
1 'polypeptide(L)'
;GTQSKPTPVKPNYALKFTLAGHTKAVSSVKFSPNGEWLASSSADKLIKIWGAYDGKFEKTISGHKLGISDVAWSSDSNLL
VSASDDKTLKIWDVSSGKCLKTLKGHSNYVFCCNFNPQSNLIVSGSFDESVRIWDVKTGKCLKTLPAHSDPVSAVHFNRD
GSLIVSSSYDGLCRIWDTASGQCLKTLIDDDNPPVSFVKFSPNGKYILAATLDNTLKLWDYSKGKCLKTYTGHKNEKYCI
FANFSVTGGKWIVSGSEDNLVYIWNLQTKEIVQKLQGHTDVVISTACHPTENIIASAALENDKTIKLWKSDC
;
A
2 'polypeptide(L)' PKQKRKMARTARSKV B
#
# COMPACT_ATOMS: atom_id res chain seq x y z
N PRO A 8 7.77 20.59 12.01
CA PRO A 8 7.36 21.90 12.52
C PRO A 8 5.86 22.14 12.28
N VAL A 9 5.44 23.39 12.10
CA VAL A 9 4.03 23.69 11.77
C VAL A 9 3.63 22.94 10.49
N LYS A 10 4.47 23.04 9.47
CA LYS A 10 4.25 22.31 8.23
C LYS A 10 5.58 21.81 7.60
N PRO A 11 5.53 20.67 6.87
CA PRO A 11 6.75 20.21 6.19
C PRO A 11 6.94 21.05 4.94
N ASN A 12 8.04 20.85 4.21
CA ASN A 12 8.23 21.57 2.94
C ASN A 12 8.83 20.67 1.89
N TYR A 13 8.06 19.67 1.51
CA TYR A 13 8.43 18.76 0.47
C TYR A 13 8.56 19.45 -0.87
N ALA A 14 9.66 19.18 -1.54
CA ALA A 14 9.94 19.79 -2.85
C ALA A 14 10.42 18.68 -3.75
N LEU A 15 10.05 18.76 -5.01
CA LEU A 15 10.43 17.74 -5.99
C LEU A 15 11.93 17.67 -6.13
N LYS A 16 12.50 16.48 -5.97
CA LYS A 16 13.96 16.25 -6.18
C LYS A 16 14.27 15.45 -7.42
N PHE A 17 13.50 14.41 -7.69
CA PHE A 17 13.72 13.54 -8.86
C PHE A 17 12.41 13.07 -9.45
N THR A 18 12.40 12.92 -10.78
CA THR A 18 11.29 12.27 -11.49
C THR A 18 11.85 11.02 -12.14
N LEU A 19 11.21 9.90 -11.89
CA LEU A 19 11.65 8.59 -12.32
C LEU A 19 10.75 8.11 -13.44
N ALA A 20 11.28 8.01 -14.64
CA ALA A 20 10.49 7.57 -15.79
C ALA A 20 11.06 6.25 -16.26
N GLY A 21 10.19 5.39 -16.79
CA GLY A 21 10.61 4.12 -17.34
C GLY A 21 9.48 3.11 -17.52
N HIS A 22 8.50 3.08 -16.61
CA HIS A 22 7.29 2.27 -16.85
C HIS A 22 6.53 2.77 -18.09
N THR A 23 5.99 1.85 -18.87
CA THR A 23 5.32 2.17 -20.09
C THR A 23 3.80 2.12 -19.92
N LYS A 24 3.33 1.83 -18.71
CA LYS A 24 1.90 1.86 -18.41
C LYS A 24 1.80 2.40 -17.00
N ALA A 25 0.57 2.58 -16.52
CA ALA A 25 0.32 3.08 -15.17
C ALA A 25 1.16 2.40 -14.11
N VAL A 26 1.68 3.18 -13.17
CA VAL A 26 2.35 2.63 -12.00
C VAL A 26 1.26 2.33 -10.97
N SER A 27 1.34 1.18 -10.33
CA SER A 27 0.32 0.79 -9.42
C SER A 27 0.72 0.99 -7.96
N SER A 28 2.01 0.86 -7.66
CA SER A 28 2.49 0.86 -6.27
C SER A 28 3.94 1.21 -6.22
N VAL A 29 4.32 1.97 -5.20
CA VAL A 29 5.72 2.25 -4.83
C VAL A 29 5.95 1.97 -3.34
N LYS A 30 7.07 1.35 -3.02
CA LYS A 30 7.47 1.02 -1.65
C LYS A 30 8.98 1.21 -1.45
N PHE A 31 9.35 1.84 -0.33
CA PHE A 31 10.76 1.90 0.06
C PHE A 31 11.18 0.63 0.76
N SER A 32 12.42 0.18 0.50
CA SER A 32 12.96 -0.98 1.22
C SER A 32 13.15 -0.59 2.70
N PRO A 33 12.94 -1.55 3.64
CA PRO A 33 13.12 -1.19 5.04
C PRO A 33 14.51 -0.65 5.38
N ASN A 34 15.56 -1.05 4.62
CA ASN A 34 16.91 -0.50 4.86
C ASN A 34 17.18 0.90 4.28
N GLY A 35 16.21 1.48 3.59
CA GLY A 35 16.28 2.86 3.10
C GLY A 35 16.99 3.04 1.76
N GLU A 36 17.59 1.97 1.22
CA GLU A 36 18.43 2.10 0.05
C GLU A 36 17.66 2.10 -1.26
N TRP A 37 16.48 1.48 -1.30
CA TRP A 37 15.80 1.25 -2.59
C TRP A 37 14.38 1.64 -2.59
N LEU A 38 13.88 1.97 -3.78
CA LEU A 38 12.45 2.04 -4.06
C LEU A 38 12.04 0.97 -5.08
N ALA A 39 10.96 0.24 -4.80
CA ALA A 39 10.38 -0.66 -5.75
C ALA A 39 9.09 -0.11 -6.27
N SER A 40 8.87 -0.27 -7.56
CA SER A 40 7.60 0.09 -8.18
C SER A 40 7.06 -1.05 -8.99
N SER A 41 5.74 -1.14 -9.04
CA SER A 41 5.03 -2.11 -9.81
C SER A 41 4.15 -1.36 -10.79
N SER A 42 3.86 -2.00 -11.90
CA SER A 42 3.10 -1.38 -12.98
C SER A 42 2.12 -2.33 -13.70
N ALA A 43 1.14 -1.73 -14.36
CA ALA A 43 0.25 -2.45 -15.30
C ALA A 43 1.02 -3.01 -16.51
N ASP A 44 2.28 -2.55 -16.70
CA ASP A 44 3.14 -3.07 -17.75
C ASP A 44 3.73 -4.42 -17.39
N LYS A 45 3.31 -4.99 -16.26
CA LYS A 45 3.71 -6.29 -15.80
C LYS A 45 5.12 -6.31 -15.24
N LEU A 46 5.73 -5.13 -15.03
CA LEU A 46 7.09 -5.10 -14.53
C LEU A 46 7.20 -4.52 -13.12
N ILE A 47 8.26 -4.94 -12.44
CA ILE A 47 8.75 -4.33 -11.23
C ILE A 47 10.07 -3.66 -11.57
N LYS A 48 10.27 -2.44 -11.08
CA LYS A 48 11.55 -1.72 -11.26
C LYS A 48 12.08 -1.32 -9.89
N ILE A 49 13.39 -1.34 -9.78
CA ILE A 49 14.06 -0.98 -8.55
C ILE A 49 14.84 0.28 -8.87
N TRP A 50 14.80 1.22 -7.96
CA TRP A 50 15.43 2.54 -8.09
C TRP A 50 16.16 2.89 -6.80
N GLY A 51 17.25 3.67 -6.92
CA GLY A 51 17.92 4.22 -5.75
C GLY A 51 17.00 5.18 -5.00
N ALA A 52 16.90 5.02 -3.70
CA ALA A 52 15.97 5.80 -2.90
C ALA A 52 16.40 7.23 -2.76
N TYR A 53 17.69 7.48 -2.77
CA TYR A 53 18.22 8.81 -2.48
C TYR A 53 18.63 9.58 -3.75
N ASP A 54 18.99 8.88 -4.82
CA ASP A 54 19.36 9.55 -6.08
C ASP A 54 18.33 9.28 -7.21
N GLY A 55 17.32 8.44 -6.96
CA GLY A 55 16.35 8.10 -8.01
C GLY A 55 16.92 7.30 -9.24
N LYS A 56 18.13 6.78 -9.13
CA LYS A 56 18.82 6.17 -10.29
C LYS A 56 18.19 4.80 -10.55
N PHE A 57 17.71 4.57 -11.76
CA PHE A 57 17.22 3.26 -12.17
C PHE A 57 18.25 2.17 -11.85
N GLU A 58 17.83 1.08 -11.21
CA GLU A 58 18.73 -0.01 -10.81
C GLU A 58 18.52 -1.25 -11.69
N LYS A 59 17.30 -1.78 -11.71
CA LYS A 59 16.99 -2.96 -12.52
C LYS A 59 15.48 -3.19 -12.67
N THR A 60 15.12 -4.04 -13.66
CA THR A 60 13.77 -4.47 -13.91
C THR A 60 13.65 -5.95 -13.54
N ILE A 61 12.57 -6.29 -12.85
CA ILE A 61 12.28 -7.67 -12.51
C ILE A 61 10.98 -8.05 -13.23
N SER A 62 11.02 -9.15 -13.98
CA SER A 62 9.95 -9.52 -14.89
CA SER A 62 9.92 -9.53 -14.85
C SER A 62 9.54 -10.98 -14.67
N GLY A 63 8.31 -11.31 -15.07
CA GLY A 63 7.83 -12.72 -15.02
C GLY A 63 6.32 -12.91 -14.98
N HIS A 64 5.61 -11.96 -14.41
CA HIS A 64 4.15 -12.06 -14.40
C HIS A 64 3.63 -11.96 -15.80
N LYS A 65 2.49 -12.59 -16.00
CA LYS A 65 1.87 -12.69 -17.28
C LYS A 65 0.90 -11.55 -17.50
N LEU A 66 0.53 -10.84 -16.43
CA LEU A 66 -0.38 -9.70 -16.57
C LEU A 66 0.03 -8.61 -15.59
N GLY A 67 -0.68 -7.49 -15.64
CA GLY A 67 -0.35 -6.34 -14.79
C GLY A 67 -0.25 -6.64 -13.32
N ILE A 68 0.51 -5.81 -12.61
CA ILE A 68 0.81 -5.96 -11.20
C ILE A 68 0.14 -4.83 -10.43
N SER A 69 -0.63 -5.18 -9.41
CA SER A 69 -1.31 -4.16 -8.57
C SER A 69 -0.59 -3.73 -7.30
N ASP A 70 0.39 -4.51 -6.83
CA ASP A 70 1.09 -4.24 -5.58
C ASP A 70 2.41 -4.97 -5.48
N VAL A 71 3.32 -4.38 -4.75
CA VAL A 71 4.61 -5.00 -4.42
C VAL A 71 4.88 -4.72 -2.95
N ALA A 72 5.61 -5.61 -2.29
CA ALA A 72 6.00 -5.41 -0.86
C ALA A 72 7.39 -6.03 -0.59
N TRP A 73 8.16 -5.39 0.30
CA TRP A 73 9.46 -5.87 0.72
C TRP A 73 9.43 -6.74 1.97
N SER A 74 10.34 -7.70 2.02
CA SER A 74 10.69 -8.42 3.24
C SER A 74 11.45 -7.49 4.20
N SER A 75 11.42 -7.84 5.49
CA SER A 75 12.05 -7.02 6.54
CA SER A 75 12.05 -7.04 6.57
C SER A 75 13.54 -6.82 6.38
N ASP A 76 14.21 -7.79 5.78
CA ASP A 76 15.63 -7.69 5.55
C ASP A 76 16.00 -7.06 4.18
N SER A 77 14.97 -6.58 3.46
CA SER A 77 15.12 -5.88 2.18
C SER A 77 15.66 -6.79 1.03
N ASN A 78 15.67 -8.12 1.21
CA ASN A 78 16.22 -8.99 0.17
C ASN A 78 15.19 -9.58 -0.77
N LEU A 79 13.95 -9.71 -0.30
CA LEU A 79 12.85 -10.24 -1.10
C LEU A 79 11.80 -9.23 -1.35
N LEU A 80 11.12 -9.41 -2.49
CA LEU A 80 9.87 -8.76 -2.82
C LEU A 80 8.78 -9.78 -3.05
N VAL A 81 7.54 -9.38 -2.76
CA VAL A 81 6.38 -10.11 -3.23
C VAL A 81 5.53 -9.18 -4.12
N SER A 82 5.01 -9.73 -5.20
CA SER A 82 4.14 -9.00 -6.09
C SER A 82 2.82 -9.68 -6.24
N ALA A 83 1.80 -8.85 -6.44
CA ALA A 83 0.42 -9.31 -6.64
C ALA A 83 -0.09 -8.90 -8.01
N SER A 84 -0.52 -9.89 -8.83
CA SER A 84 -0.85 -9.68 -10.24
C SER A 84 -2.27 -10.10 -10.65
N ASP A 85 -2.73 -9.51 -11.76
CA ASP A 85 -3.96 -9.92 -12.43
C ASP A 85 -3.87 -11.31 -12.98
N ASP A 86 -2.69 -11.88 -13.08
CA ASP A 86 -2.56 -13.27 -13.52
C ASP A 86 -3.00 -14.30 -12.46
N LYS A 87 -3.53 -13.83 -11.32
CA LYS A 87 -4.10 -14.67 -10.22
C LYS A 87 -3.04 -15.23 -9.29
N THR A 88 -1.79 -14.83 -9.51
CA THR A 88 -0.69 -15.28 -8.68
C THR A 88 0.00 -14.15 -7.92
N LEU A 89 0.67 -14.52 -6.83
CA LEU A 89 1.77 -13.76 -6.27
C LEU A 89 3.13 -14.41 -6.67
N LYS A 90 4.14 -13.59 -6.81
CA LYS A 90 5.48 -14.13 -6.94
C LYS A 90 6.37 -13.57 -5.89
N ILE A 91 7.27 -14.42 -5.40
CA ILE A 91 8.31 -14.03 -4.46
C ILE A 91 9.59 -13.94 -5.23
N TRP A 92 10.26 -12.81 -5.09
CA TRP A 92 11.49 -12.50 -5.87
C TRP A 92 12.71 -12.31 -4.98
N ASP A 93 13.84 -12.90 -5.39
CA ASP A 93 15.11 -12.56 -4.80
C ASP A 93 15.62 -11.31 -5.53
N VAL A 94 15.66 -10.18 -4.84
CA VAL A 94 15.93 -8.90 -5.48
C VAL A 94 17.29 -8.88 -6.15
N SER A 95 18.33 -9.37 -5.48
CA SER A 95 19.71 -9.25 -5.95
CA SER A 95 19.68 -9.18 -5.98
C SER A 95 19.97 -10.09 -7.19
N SER A 96 19.40 -11.28 -7.22
CA SER A 96 19.59 -12.19 -8.34
C SER A 96 18.51 -11.98 -9.40
N GLY A 97 17.38 -11.42 -9.00
CA GLY A 97 16.22 -11.26 -9.88
C GLY A 97 15.41 -12.54 -10.05
N LYS A 98 15.80 -13.63 -9.37
CA LYS A 98 15.12 -14.92 -9.50
C LYS A 98 13.73 -14.88 -8.90
N CYS A 99 12.75 -15.44 -9.59
CA CYS A 99 11.45 -15.77 -9.01
C CYS A 99 11.62 -17.03 -8.18
N LEU A 100 11.56 -16.91 -6.87
CA LEU A 100 11.75 -18.05 -5.97
C LEU A 100 10.53 -18.95 -5.88
N LYS A 101 9.37 -18.33 -5.87
CA LYS A 101 8.10 -19.02 -5.75
C LYS A 101 6.97 -18.30 -6.48
N THR A 102 5.99 -19.08 -6.94
CA THR A 102 4.80 -18.53 -7.52
C THR A 102 3.67 -19.05 -6.64
N LEU A 103 2.93 -18.14 -6.02
CA LEU A 103 1.87 -18.51 -5.05
C LEU A 103 0.55 -18.56 -5.80
N LYS A 104 0.03 -19.77 -5.94
CA LYS A 104 -1.13 -20.03 -6.74
C LYS A 104 -2.27 -20.49 -5.84
N GLY A 105 -3.48 -20.04 -6.13
CA GLY A 105 -4.63 -20.43 -5.31
C GLY A 105 -5.77 -19.48 -5.33
N HIS A 106 -5.51 -18.18 -5.48
CA HIS A 106 -6.57 -17.24 -5.71
C HIS A 106 -7.23 -17.55 -7.02
N SER A 107 -8.53 -17.32 -7.09
CA SER A 107 -9.31 -17.62 -8.28
C SER A 107 -9.58 -16.38 -9.12
N ASN A 108 -8.99 -15.27 -8.77
CA ASN A 108 -9.17 -14.05 -9.54
C ASN A 108 -8.04 -13.10 -9.21
N TYR A 109 -8.08 -11.90 -9.80
CA TYR A 109 -7.01 -10.94 -9.64
C TYR A 109 -6.53 -10.86 -8.20
N VAL A 110 -5.20 -10.85 -8.02
CA VAL A 110 -4.66 -10.58 -6.70
C VAL A 110 -4.37 -9.10 -6.64
N PHE A 111 -4.89 -8.43 -5.61
CA PHE A 111 -4.86 -6.99 -5.54
C PHE A 111 -3.82 -6.36 -4.60
N CYS A 112 -3.50 -7.05 -3.51
CA CYS A 112 -2.68 -6.48 -2.43
C CYS A 112 -1.89 -7.53 -1.74
N CYS A 113 -0.75 -7.13 -1.19
CA CYS A 113 0.10 -8.07 -0.52
C CYS A 113 1.04 -7.45 0.48
N ASN A 114 1.51 -8.24 1.43
CA ASN A 114 2.48 -7.79 2.43
C ASN A 114 3.14 -9.01 3.11
N PHE A 115 4.39 -8.83 3.52
CA PHE A 115 5.05 -9.76 4.44
C PHE A 115 4.67 -9.39 5.85
N ASN A 116 4.77 -10.35 6.74
CA ASN A 116 4.79 -10.02 8.15
C ASN A 116 6.19 -9.56 8.54
N PRO A 117 6.33 -8.92 9.72
CA PRO A 117 7.63 -8.43 10.20
C PRO A 117 8.76 -9.50 10.25
N GLN A 118 8.40 -10.72 10.63
CA GLN A 118 9.36 -11.82 10.66
C GLN A 118 9.68 -12.28 9.24
N SER A 119 8.76 -12.00 8.31
CA SER A 119 8.89 -12.27 6.88
C SER A 119 8.91 -13.76 6.51
N ASN A 120 8.33 -14.59 7.36
CA ASN A 120 8.07 -16.00 7.06
C ASN A 120 6.69 -16.21 6.47
N LEU A 121 5.85 -15.18 6.56
CA LEU A 121 4.49 -15.22 5.98
C LEU A 121 4.22 -14.07 5.02
N ILE A 122 3.34 -14.35 4.05
CA ILE A 122 2.77 -13.33 3.20
C ILE A 122 1.27 -13.34 3.31
N VAL A 123 0.69 -12.16 3.40
CA VAL A 123 -0.76 -12.04 3.33
C VAL A 123 -1.13 -11.45 1.95
N SER A 124 -2.23 -11.91 1.39
CA SER A 124 -2.75 -11.40 0.09
C SER A 124 -4.26 -11.22 0.15
N GLY A 125 -4.74 -10.28 -0.64
CA GLY A 125 -6.16 -10.06 -0.89
C GLY A 125 -6.43 -10.03 -2.38
N SER A 126 -7.62 -10.46 -2.75
CA SER A 126 -7.99 -10.72 -4.11
C SER A 126 -9.39 -10.23 -4.45
N PHE A 127 -9.62 -10.10 -5.76
CA PHE A 127 -10.94 -9.89 -6.33
C PHE A 127 -11.87 -11.05 -6.00
N ASP A 128 -11.33 -12.24 -5.69
CA ASP A 128 -12.14 -13.38 -5.31
C ASP A 128 -12.70 -13.28 -3.89
N GLU A 129 -12.44 -12.18 -3.20
CA GLU A 129 -13.09 -11.83 -1.91
C GLU A 129 -12.48 -12.54 -0.72
N SER A 130 -11.35 -13.21 -0.94
CA SER A 130 -10.66 -13.93 0.11
C SER A 130 -9.35 -13.28 0.48
N VAL A 131 -8.93 -13.58 1.70
CA VAL A 131 -7.62 -13.23 2.18
C VAL A 131 -6.85 -14.54 2.36
N ARG A 132 -5.65 -14.62 1.83
CA ARG A 132 -4.83 -15.81 1.97
C ARG A 132 -3.53 -15.55 2.72
N ILE A 133 -3.13 -16.53 3.52
CA ILE A 133 -1.89 -16.45 4.29
C ILE A 133 -1.00 -17.53 3.73
N TRP A 134 0.22 -17.16 3.34
CA TRP A 134 1.13 -18.07 2.66
C TRP A 134 2.43 -18.23 3.43
N ASP A 135 3.01 -19.40 3.30
CA ASP A 135 4.34 -19.68 3.80
C ASP A 135 5.42 -19.31 2.76
N VAL A 136 6.32 -18.41 3.13
CA VAL A 136 7.34 -17.90 2.22
C VAL A 136 8.33 -18.98 1.74
N LYS A 137 8.68 -19.91 2.60
CA LYS A 137 9.71 -20.90 2.26
C LYS A 137 9.18 -21.95 1.29
N THR A 138 8.01 -22.50 1.59
CA THR A 138 7.42 -23.56 0.78
C THR A 138 6.55 -23.02 -0.33
N GLY A 139 6.15 -21.77 -0.20
CA GLY A 139 5.26 -21.17 -1.16
C GLY A 139 3.84 -21.71 -1.12
N LYS A 140 3.47 -22.38 -0.04
CA LYS A 140 2.15 -22.98 0.06
C LYS A 140 1.21 -22.07 0.85
N CYS A 141 -0.09 -22.11 0.52
CA CYS A 141 -1.10 -21.39 1.25
C CYS A 141 -1.37 -22.09 2.58
N LEU A 142 -1.27 -21.35 3.68
CA LEU A 142 -1.59 -21.87 5.02
C LEU A 142 -3.04 -21.72 5.41
N LYS A 143 -3.67 -20.63 4.98
CA LYS A 143 -5.06 -20.34 5.32
C LYS A 143 -5.73 -19.56 4.24
N THR A 144 -7.01 -19.83 4.05
CA THR A 144 -7.87 -19.01 3.21
C THR A 144 -8.99 -18.53 4.10
N LEU A 145 -9.06 -17.22 4.27
CA LEU A 145 -10.11 -16.62 5.05
C LEU A 145 -11.20 -16.11 4.11
N PRO A 146 -12.46 -16.47 4.40
CA PRO A 146 -13.60 -15.96 3.63
C PRO A 146 -13.95 -14.57 4.14
N ALA A 147 -13.08 -13.63 3.87
CA ALA A 147 -13.00 -12.38 4.62
C ALA A 147 -14.11 -11.40 4.34
N HIS A 148 -14.52 -11.31 3.07
CA HIS A 148 -15.41 -10.26 2.59
C HIS A 148 -16.39 -10.77 1.57
N SER A 149 -17.36 -9.92 1.22
CA SER A 149 -18.36 -10.26 0.24
C SER A 149 -18.18 -9.42 -1.02
N ASP A 150 -17.01 -8.80 -1.17
CA ASP A 150 -16.64 -8.02 -2.35
C ASP A 150 -15.13 -8.02 -2.42
N PRO A 151 -14.56 -7.52 -3.51
CA PRO A 151 -13.10 -7.56 -3.66
C PRO A 151 -12.33 -6.97 -2.47
N VAL A 152 -11.24 -7.63 -2.10
CA VAL A 152 -10.39 -7.16 -0.98
C VAL A 152 -9.40 -6.13 -1.52
N SER A 153 -9.36 -4.96 -0.89
CA SER A 153 -8.55 -3.86 -1.40
C SER A 153 -7.22 -3.69 -0.71
N ALA A 154 -7.09 -4.16 0.52
CA ALA A 154 -5.82 -4.07 1.21
C ALA A 154 -5.72 -5.08 2.32
N VAL A 155 -4.49 -5.47 2.61
CA VAL A 155 -4.19 -6.38 3.71
C VAL A 155 -2.86 -5.91 4.35
N HIS A 156 -2.78 -5.97 5.69
CA HIS A 156 -1.60 -5.48 6.40
C HIS A 156 -1.42 -6.19 7.74
N PHE A 157 -0.17 -6.56 8.06
CA PHE A 157 0.11 -7.11 9.41
C PHE A 157 0.38 -5.99 10.39
N ASN A 158 0.02 -6.20 11.63
CA ASN A 158 0.45 -5.31 12.70
C ASN A 158 1.94 -5.52 13.04
N ARG A 159 2.43 -4.76 14.02
CA ARG A 159 3.87 -4.68 14.38
C ARG A 159 4.51 -6.03 14.76
N ASP A 160 3.79 -6.88 15.49
CA ASP A 160 4.36 -8.16 15.92
C ASP A 160 3.82 -9.36 15.13
N GLY A 161 3.05 -9.10 14.08
CA GLY A 161 2.58 -10.12 13.19
C GLY A 161 1.39 -10.93 13.66
N SER A 162 0.85 -10.60 14.83
CA SER A 162 -0.24 -11.39 15.44
C SER A 162 -1.60 -11.13 14.80
N LEU A 163 -1.74 -9.94 14.18
CA LEU A 163 -2.99 -9.51 13.58
C LEU A 163 -2.81 -9.09 12.17
N ILE A 164 -3.88 -9.24 11.40
CA ILE A 164 -3.99 -8.78 10.03
C ILE A 164 -5.23 -7.92 9.90
N VAL A 165 -5.11 -6.78 9.24
CA VAL A 165 -6.28 -5.99 8.92
C VAL A 165 -6.56 -6.09 7.41
N SER A 166 -7.82 -6.24 7.06
CA SER A 166 -8.24 -6.29 5.68
C SER A 166 -9.35 -5.27 5.43
N SER A 167 -9.43 -4.79 4.19
CA SER A 167 -10.51 -3.87 3.80
C SER A 167 -11.10 -4.35 2.49
N SER A 168 -12.33 -3.93 2.24
CA SER A 168 -13.04 -4.38 1.06
C SER A 168 -14.04 -3.36 0.53
N TYR A 169 -14.35 -3.49 -0.76
CA TYR A 169 -15.48 -2.72 -1.36
C TYR A 169 -16.81 -3.01 -0.67
N ASP A 170 -16.87 -4.08 0.12
CA ASP A 170 -18.12 -4.33 0.87
C ASP A 170 -18.33 -3.33 2.00
N GLY A 171 -17.38 -2.42 2.21
CA GLY A 171 -17.55 -1.34 3.18
C GLY A 171 -16.96 -1.64 4.56
N LEU A 172 -16.34 -2.82 4.71
CA LEU A 172 -15.87 -3.30 6.00
C LEU A 172 -14.35 -3.27 6.10
N CYS A 173 -13.91 -3.03 7.32
CA CYS A 173 -12.54 -3.36 7.74
CA CYS A 173 -12.56 -3.33 7.74
C CYS A 173 -12.65 -4.49 8.75
N ARG A 174 -11.81 -5.51 8.58
CA ARG A 174 -11.78 -6.65 9.51
C ARG A 174 -10.37 -6.94 10.03
N ILE A 175 -10.32 -7.45 11.25
CA ILE A 175 -9.09 -7.72 11.93
C ILE A 175 -9.11 -9.21 12.22
N TRP A 176 -8.05 -9.87 11.78
CA TRP A 176 -7.95 -11.32 11.86
C TRP A 176 -6.80 -11.73 12.77
N ASP A 177 -6.97 -12.84 13.47
CA ASP A 177 -5.91 -13.46 14.18
C ASP A 177 -5.10 -14.26 13.18
N THR A 178 -3.81 -13.93 13.07
CA THR A 178 -2.92 -14.56 12.10
C THR A 178 -2.84 -16.06 12.35
N ALA A 179 -2.68 -16.48 13.61
CA ALA A 179 -2.47 -17.91 13.88
C ALA A 179 -3.73 -18.74 13.74
N SER A 180 -4.89 -18.23 14.17
CA SER A 180 -6.15 -19.02 14.11
C SER A 180 -6.97 -18.79 12.82
N GLY A 181 -6.84 -17.60 12.23
CA GLY A 181 -7.67 -17.21 11.09
C GLY A 181 -9.04 -16.69 11.52
N GLN A 182 -9.23 -16.58 12.82
CA GLN A 182 -10.47 -16.08 13.38
C GLN A 182 -10.64 -14.59 13.10
N CYS A 183 -11.84 -14.19 12.69
CA CYS A 183 -12.19 -12.77 12.63
C CYS A 183 -12.40 -12.27 14.04
N LEU A 184 -11.55 -11.34 14.45
CA LEU A 184 -11.60 -10.78 15.79
C LEU A 184 -12.45 -9.52 15.88
N LYS A 185 -12.58 -8.81 14.77
CA LYS A 185 -13.25 -7.53 14.79
C LYS A 185 -13.71 -7.10 13.40
N THR A 186 -14.88 -6.46 13.38
CA THR A 186 -15.39 -5.81 12.18
C THR A 186 -15.67 -4.36 12.52
N LEU A 187 -15.06 -3.44 11.75
CA LEU A 187 -15.24 -2.01 12.00
C LEU A 187 -16.28 -1.43 11.07
N ILE A 188 -17.32 -0.85 11.67
CA ILE A 188 -18.46 -0.24 10.95
CA ILE A 188 -18.47 -0.25 10.97
C ILE A 188 -18.68 1.15 11.52
N ASP A 189 -18.87 2.13 10.66
CA ASP A 189 -19.14 3.51 11.09
C ASP A 189 -20.64 3.87 11.01
N ASP A 190 -20.97 5.16 10.95
CA ASP A 190 -22.35 5.62 10.70
C ASP A 190 -22.81 5.23 9.29
N ASP A 191 -21.86 5.14 8.37
CA ASP A 191 -22.16 4.64 7.03
CA ASP A 191 -22.12 4.73 6.98
C ASP A 191 -20.99 3.77 6.55
N ASN A 192 -21.26 2.91 5.55
CA ASN A 192 -20.23 1.97 5.03
C ASN A 192 -19.91 2.07 3.52
N PRO A 193 -19.45 3.22 3.05
CA PRO A 193 -18.96 3.28 1.66
C PRO A 193 -17.78 2.28 1.40
N PRO A 194 -17.54 1.89 0.15
CA PRO A 194 -16.37 1.05 -0.16
C PRO A 194 -15.10 1.48 0.57
N VAL A 195 -14.39 0.54 1.18
CA VAL A 195 -13.09 0.80 1.76
C VAL A 195 -11.98 0.38 0.78
N SER A 196 -11.18 1.36 0.41
CA SER A 196 -10.24 1.20 -0.66
C SER A 196 -8.82 1.00 -0.17
N PHE A 197 -8.59 1.24 1.13
CA PHE A 197 -7.28 1.02 1.70
C PHE A 197 -7.32 0.97 3.22
N VAL A 198 -6.43 0.17 3.78
CA VAL A 198 -6.28 0.08 5.22
C VAL A 198 -4.84 -0.32 5.62
N LYS A 199 -4.38 0.24 6.73
CA LYS A 199 -3.15 -0.20 7.38
C LYS A 199 -3.11 0.17 8.86
N PHE A 200 -2.39 -0.62 9.64
CA PHE A 200 -2.12 -0.30 11.07
C PHE A 200 -1.16 0.85 11.14
N SER A 201 -1.27 1.63 12.20
CA SER A 201 -0.25 2.62 12.51
C SER A 201 1.02 1.91 12.98
N PRO A 202 2.17 2.60 12.95
CA PRO A 202 3.44 1.92 13.34
C PRO A 202 3.38 1.26 14.74
N ASN A 203 2.78 1.97 15.69
CA ASN A 203 2.63 1.45 17.05
CA ASN A 203 2.54 1.53 17.07
C ASN A 203 1.49 0.40 17.19
N GLY A 204 0.74 0.16 16.13
CA GLY A 204 -0.30 -0.84 16.15
C GLY A 204 -1.57 -0.47 16.91
N LYS A 205 -1.60 0.72 17.50
CA LYS A 205 -2.76 1.14 18.27
C LYS A 205 -3.90 1.67 17.36
N TYR A 206 -3.56 2.12 16.14
CA TYR A 206 -4.56 2.68 15.23
C TYR A 206 -4.61 2.02 13.85
N ILE A 207 -5.76 2.13 13.21
CA ILE A 207 -5.91 1.73 11.80
C ILE A 207 -6.30 2.95 10.97
N LEU A 208 -5.59 3.16 9.88
CA LEU A 208 -5.92 4.18 8.90
C LEU A 208 -6.67 3.53 7.74
N ALA A 209 -7.86 4.03 7.44
CA ALA A 209 -8.75 3.47 6.41
C ALA A 209 -9.16 4.57 5.43
N ALA A 210 -9.05 4.29 4.14
CA ALA A 210 -9.52 5.19 3.09
C ALA A 210 -10.83 4.65 2.54
N THR A 211 -11.77 5.55 2.29
CA THR A 211 -13.04 5.18 1.68
C THR A 211 -13.31 5.99 0.43
N LEU A 212 -14.13 5.42 -0.45
CA LEU A 212 -14.42 6.02 -1.76
C LEU A 212 -15.50 7.08 -1.71
N ASP A 213 -15.54 7.81 -0.61
CA ASP A 213 -16.32 9.01 -0.47
C ASP A 213 -15.40 10.17 -0.11
N ASN A 214 -14.19 10.18 -0.68
CA ASN A 214 -13.21 11.26 -0.46
C ASN A 214 -12.80 11.47 1.00
N THR A 215 -12.65 10.37 1.73
CA THR A 215 -12.43 10.46 3.17
C THR A 215 -11.44 9.39 3.65
N LEU A 216 -10.53 9.82 4.54
CA LEU A 216 -9.64 8.95 5.31
C LEU A 216 -9.99 9.01 6.78
N LYS A 217 -9.99 7.85 7.43
CA LYS A 217 -10.37 7.76 8.82
C LYS A 217 -9.32 7.06 9.64
N LEU A 218 -9.05 7.62 10.81
CA LEU A 218 -8.17 7.02 11.79
C LEU A 218 -9.03 6.38 12.88
N TRP A 219 -8.94 5.06 12.97
CA TRP A 219 -9.67 4.29 13.98
C TRP A 219 -8.80 3.89 15.15
N ASP A 220 -9.31 4.01 16.36
CA ASP A 220 -8.69 3.35 17.50
C ASP A 220 -9.11 1.90 17.40
N TYR A 221 -8.12 1.02 17.27
CA TYR A 221 -8.39 -0.40 16.99
C TYR A 221 -9.22 -1.07 18.14
N SER A 222 -8.65 -1.23 19.34
CA SER A 222 -9.35 -1.97 20.40
C SER A 222 -10.62 -1.26 20.95
N LYS A 223 -10.63 0.08 21.02
CA LYS A 223 -11.88 0.81 21.36
C LYS A 223 -12.93 0.83 20.21
N GLY A 224 -12.54 0.41 19.00
CA GLY A 224 -13.46 0.30 17.85
C GLY A 224 -14.15 1.57 17.35
N LYS A 225 -13.52 2.74 17.52
CA LYS A 225 -14.18 4.02 17.19
C LYS A 225 -13.32 4.91 16.30
N CYS A 226 -13.96 5.65 15.42
CA CYS A 226 -13.25 6.60 14.57
C CYS A 226 -12.85 7.85 15.35
N LEU A 227 -11.55 8.09 15.49
CA LEU A 227 -11.03 9.23 16.23
C LEU A 227 -10.73 10.48 15.39
N LYS A 228 -10.21 10.29 14.17
CA LYS A 228 -9.90 11.42 13.28
C LYS A 228 -10.41 11.18 11.87
N THR A 229 -10.66 12.29 11.17
CA THR A 229 -11.10 12.29 9.78
C THR A 229 -10.26 13.29 8.96
N TYR A 230 -9.84 12.88 7.74
CA TYR A 230 -9.02 13.69 6.81
C TYR A 230 -9.75 13.80 5.44
N THR A 231 -10.02 15.04 5.00
N THR A 231 -10.02 15.02 4.92
CA THR A 231 -10.66 15.30 3.74
CA THR A 231 -11.07 15.19 3.87
C THR A 231 -9.96 16.46 3.03
C THR A 231 -10.82 15.96 2.52
N GLY A 232 -10.53 16.85 1.89
N GLY A 232 -9.81 16.83 2.44
CA GLY A 232 -9.99 17.89 1.05
CA GLY A 232 -9.76 17.79 1.31
C GLY A 232 -9.45 17.30 -0.24
C GLY A 232 -9.38 17.30 -0.11
N HIS A 233 -9.15 16.01 -0.24
CA HIS A 233 -8.66 15.36 -1.45
C HIS A 233 -9.80 14.74 -2.23
N LYS A 234 -9.49 14.11 -3.36
CA LYS A 234 -10.49 13.47 -4.20
C LYS A 234 -10.18 11.97 -4.27
N ASN A 235 -11.14 11.14 -3.88
CA ASN A 235 -10.97 9.71 -3.94
C ASN A 235 -12.34 8.98 -3.93
N GLU A 236 -12.87 8.77 -5.15
CA GLU A 236 -14.13 8.08 -5.39
C GLU A 236 -14.02 6.85 -6.31
N LYS A 237 -12.86 6.62 -6.95
CA LYS A 237 -12.76 5.56 -7.96
CA LYS A 237 -12.73 5.58 -7.97
C LYS A 237 -11.61 4.59 -7.68
N TYR A 238 -10.44 5.10 -7.30
CA TYR A 238 -9.26 4.25 -7.19
C TYR A 238 -8.86 3.87 -5.78
N CYS A 239 -8.22 2.69 -5.66
CA CYS A 239 -7.65 2.23 -4.39
C CYS A 239 -6.25 2.87 -4.18
N ILE A 240 -6.27 4.05 -3.56
CA ILE A 240 -5.13 4.85 -3.34
C ILE A 240 -4.48 4.52 -1.98
N PHE A 241 -3.15 4.29 -1.98
CA PHE A 241 -2.41 4.05 -0.72
C PHE A 241 -2.41 5.33 0.16
N ALA A 242 -2.29 5.14 1.47
CA ALA A 242 -2.05 6.23 2.42
C ALA A 242 -0.95 5.79 3.38
N ASN A 243 -0.32 6.76 4.01
CA ASN A 243 0.80 6.49 4.92
C ASN A 243 0.76 7.34 6.16
N PHE A 244 1.43 6.83 7.19
CA PHE A 244 1.85 7.62 8.31
C PHE A 244 3.27 8.08 8.04
N SER A 245 3.51 9.38 8.08
CA SER A 245 4.90 9.89 7.97
C SER A 245 5.40 10.20 9.39
N VAL A 246 6.51 9.57 9.79
CA VAL A 246 7.00 9.67 11.18
C VAL A 246 8.45 10.12 11.36
N THR A 247 9.19 10.32 10.28
CA THR A 247 10.61 10.63 10.40
C THR A 247 10.80 12.05 10.90
N GLY A 248 9.83 12.92 10.58
CA GLY A 248 9.85 14.31 11.06
C GLY A 248 8.54 14.63 11.79
N GLY A 249 7.82 15.63 11.29
CA GLY A 249 6.48 15.90 11.82
C GLY A 249 5.56 14.70 11.61
N LYS A 250 4.57 14.55 12.49
CA LYS A 250 3.61 13.47 12.39
C LYS A 250 2.53 13.79 11.40
N TRP A 251 2.63 13.19 10.23
CA TRP A 251 1.69 13.44 9.14
C TRP A 251 0.95 12.20 8.66
N ILE A 252 -0.14 12.47 7.95
CA ILE A 252 -0.82 11.45 7.12
C ILE A 252 -0.61 11.90 5.69
N VAL A 253 -0.24 10.95 4.84
CA VAL A 253 0.09 11.21 3.42
C VAL A 253 -0.76 10.36 2.49
N SER A 254 -1.30 10.94 1.43
CA SER A 254 -2.08 10.18 0.46
C SER A 254 -2.07 10.82 -0.92
N GLY A 255 -2.18 9.99 -1.94
CA GLY A 255 -2.48 10.44 -3.30
C GLY A 255 -3.92 10.89 -3.41
N SER A 256 -4.29 11.39 -4.59
CA SER A 256 -5.58 12.01 -4.82
C SER A 256 -5.88 11.92 -6.29
N GLU A 257 -7.16 11.91 -6.64
CA GLU A 257 -7.61 11.85 -8.06
C GLU A 257 -7.58 13.23 -8.76
N ASP A 258 -7.14 14.27 -8.04
CA ASP A 258 -6.89 15.59 -8.65
C ASP A 258 -5.38 15.79 -8.97
N ASN A 259 -4.60 14.70 -8.94
CA ASN A 259 -3.19 14.68 -9.34
C ASN A 259 -2.22 15.24 -8.29
N LEU A 260 -2.66 15.41 -7.06
CA LEU A 260 -1.81 15.98 -6.04
C LEU A 260 -1.50 14.97 -4.98
N VAL A 261 -0.39 15.17 -4.26
CA VAL A 261 -0.14 14.44 -3.00
C VAL A 261 -0.60 15.34 -1.86
N TYR A 262 -1.41 14.79 -0.98
CA TYR A 262 -1.94 15.52 0.18
C TYR A 262 -1.20 15.07 1.43
N ILE A 263 -0.81 16.04 2.24
CA ILE A 263 -0.21 15.81 3.53
C ILE A 263 -1.06 16.56 4.58
N TRP A 264 -1.51 15.81 5.59
CA TRP A 264 -2.32 16.34 6.69
C TRP A 264 -1.54 16.26 7.98
N ASN A 265 -1.77 17.23 8.87
CA ASN A 265 -1.35 17.10 10.27
C ASN A 265 -2.20 16.02 10.91
N LEU A 266 -1.57 14.98 11.43
CA LEU A 266 -2.30 13.84 11.95
C LEU A 266 -3.28 14.29 13.04
N GLN A 267 -2.78 15.10 13.98
CA GLN A 267 -3.56 15.46 15.16
C GLN A 267 -4.65 16.53 14.92
N THR A 268 -4.34 17.59 14.18
CA THR A 268 -5.32 18.69 13.95
C THR A 268 -6.22 18.45 12.74
N LYS A 269 -5.79 17.56 11.85
CA LYS A 269 -6.55 17.12 10.68
C LYS A 269 -6.52 18.07 9.48
N GLU A 270 -5.72 19.14 9.58
CA GLU A 270 -5.65 20.16 8.53
C GLU A 270 -4.59 19.82 7.50
N ILE A 271 -4.86 20.19 6.24
CA ILE A 271 -3.90 20.01 5.15
C ILE A 271 -2.73 20.90 5.40
N VAL A 272 -1.53 20.36 5.34
CA VAL A 272 -0.33 21.17 5.59
C VAL A 272 0.48 21.34 4.34
N GLN A 273 0.27 20.47 3.35
CA GLN A 273 0.88 20.67 2.04
C GLN A 273 0.18 19.86 0.97
N LYS A 274 0.18 20.38 -0.24
CA LYS A 274 -0.34 19.70 -1.42
C LYS A 274 0.79 19.71 -2.48
N LEU A 275 1.27 18.55 -2.89
CA LEU A 275 2.39 18.48 -3.85
C LEU A 275 1.91 18.42 -5.31
N GLN A 276 2.34 19.40 -6.10
CA GLN A 276 1.96 19.54 -7.49
C GLN A 276 3.10 19.04 -8.39
N GLY A 277 2.73 18.37 -9.47
CA GLY A 277 3.71 17.94 -10.47
C GLY A 277 3.19 16.80 -11.33
N HIS A 278 2.45 15.87 -10.75
CA HIS A 278 1.86 14.77 -11.53
C HIS A 278 0.76 15.25 -12.47
N THR A 279 0.59 14.51 -13.55
CA THR A 279 -0.37 14.90 -14.57
C THR A 279 -1.49 13.90 -14.67
N ASP A 280 -1.56 12.98 -13.72
CA ASP A 280 -2.67 12.04 -13.64
C ASP A 280 -2.82 11.62 -12.17
N VAL A 281 -3.85 10.82 -11.90
CA VAL A 281 -4.14 10.33 -10.56
C VAL A 281 -2.90 9.81 -9.84
N VAL A 282 -2.68 10.30 -8.63
CA VAL A 282 -1.62 9.80 -7.77
C VAL A 282 -2.20 8.61 -6.98
N ILE A 283 -1.82 7.41 -7.40
CA ILE A 283 -2.35 6.14 -6.92
C ILE A 283 -1.62 5.64 -5.67
N SER A 284 -0.36 6.03 -5.51
CA SER A 284 0.46 5.44 -4.50
C SER A 284 1.47 6.43 -3.98
N THR A 285 1.65 6.42 -2.67
CA THR A 285 2.65 7.21 -2.01
C THR A 285 3.37 6.29 -1.02
N ALA A 286 4.60 6.60 -0.73
CA ALA A 286 5.38 5.84 0.27
C ALA A 286 6.26 6.82 1.02
N CYS A 287 6.53 6.53 2.30
CA CYS A 287 7.36 7.35 3.16
C CYS A 287 8.67 6.61 3.52
N HIS A 288 9.80 7.28 3.30
CA HIS A 288 11.08 6.69 3.56
C HIS A 288 11.20 6.36 5.06
N PRO A 289 11.85 5.22 5.40
CA PRO A 289 11.90 4.81 6.81
C PRO A 289 12.75 5.68 7.75
N THR A 290 13.72 6.41 7.23
CA THR A 290 14.60 7.23 8.06
C THR A 290 14.77 8.73 7.65
N GLU A 291 14.62 9.07 6.38
CA GLU A 291 14.73 10.46 5.94
C GLU A 291 13.34 10.95 5.62
N ASN A 292 13.17 12.28 5.60
CA ASN A 292 11.90 12.88 5.20
C ASN A 292 11.78 12.91 3.69
N ILE A 293 11.55 11.73 3.12
CA ILE A 293 11.38 11.56 1.70
C ILE A 293 10.10 10.82 1.40
N ILE A 294 9.39 11.32 0.39
CA ILE A 294 8.15 10.75 -0.07
C ILE A 294 8.31 10.35 -1.54
N ALA A 295 7.89 9.14 -1.85
CA ALA A 295 7.72 8.71 -3.23
C ALA A 295 6.24 8.72 -3.58
N SER A 296 5.93 9.14 -4.80
CA SER A 296 4.59 9.18 -5.35
C SER A 296 4.59 8.62 -6.74
N ALA A 297 3.47 8.05 -7.14
CA ALA A 297 3.37 7.40 -8.47
C ALA A 297 2.00 7.62 -9.07
N ALA A 298 1.97 7.78 -10.38
CA ALA A 298 0.73 8.15 -11.05
C ALA A 298 0.27 7.16 -12.13
N LEU A 299 -0.97 7.35 -12.56
CA LEU A 299 -1.62 6.48 -13.54
C LEU A 299 -1.24 6.78 -15.01
N GLU A 300 -1.98 6.15 -15.92
CA GLU A 300 -1.61 5.98 -17.34
C GLU A 300 -1.16 7.23 -18.10
N ASN A 301 -1.78 8.37 -17.84
CA ASN A 301 -1.47 9.58 -18.58
C ASN A 301 -0.17 10.25 -18.13
N ASP A 302 0.38 9.79 -17.02
CA ASP A 302 1.58 10.35 -16.41
C ASP A 302 2.72 9.32 -16.45
N LYS A 303 2.52 8.18 -15.80
CA LYS A 303 3.50 7.08 -15.81
C LYS A 303 4.80 7.32 -15.00
N THR A 304 4.97 8.48 -14.38
CA THR A 304 6.17 8.77 -13.60
C THR A 304 6.03 8.51 -12.10
N ILE A 305 7.18 8.37 -11.50
CA ILE A 305 7.35 8.30 -10.07
C ILE A 305 8.16 9.54 -9.65
N LYS A 306 7.77 10.21 -8.56
CA LYS A 306 8.48 11.38 -8.11
C LYS A 306 8.99 11.18 -6.68
N LEU A 307 10.15 11.73 -6.41
CA LEU A 307 10.77 11.68 -5.08
C LEU A 307 10.85 13.13 -4.59
N TRP A 308 10.27 13.34 -3.43
CA TRP A 308 10.12 14.65 -2.82
C TRP A 308 10.81 14.62 -1.50
N LYS A 309 11.48 15.71 -1.14
CA LYS A 309 12.16 15.77 0.14
C LYS A 309 11.88 17.05 0.88
N SER A 310 11.82 16.93 2.21
CA SER A 310 11.55 18.07 3.09
C SER A 310 12.69 18.25 4.10
N ASP A 311 12.92 19.50 4.52
CA ASP A 311 13.79 19.82 5.67
C ASP A 311 13.22 19.36 7.04
N CYS A 312 11.91 19.07 7.11
CA CYS A 312 11.24 18.61 8.34
C CYS A 312 10.03 17.67 8.05
N ALA B 8 -6.58 -4.58 -12.84
CA ALA B 8 -5.58 -4.16 -11.81
C ALA B 8 -6.04 -2.91 -11.05
N ARG B 9 -5.23 -2.53 -10.06
CA ARG B 9 -5.45 -1.30 -9.27
C ARG B 9 -5.55 -0.03 -10.16
N THR B 10 -4.90 -0.07 -11.31
CA THR B 10 -4.80 1.10 -12.17
C THR B 10 -5.96 1.23 -13.12
N ALA B 11 -6.73 0.15 -13.25
CA ALA B 11 -7.78 0.00 -14.28
C ALA B 11 -8.67 1.22 -14.38
N ARG B 12 -8.56 1.89 -15.55
CA ARG B 12 -9.26 3.13 -15.86
C ARG B 12 -10.42 2.82 -16.82
#